data_1UD8
#
_entry.id   1UD8
#
_cell.length_a   132.553
_cell.length_b   132.553
_cell.length_c   132.553
_cell.angle_alpha   90.00
_cell.angle_beta   90.00
_cell.angle_gamma   90.00
#
_symmetry.space_group_name_H-M   'P 2 3'
#
loop_
_entity.id
_entity.type
_entity.pdbx_description
1 polymer amylase
2 non-polymer 'SODIUM ION'
3 water water
#
_entity_poly.entity_id   1
_entity_poly.type   'polypeptide(L)'
_entity_poly.pdbx_seq_one_letter_code
;DGLNGTMMQYYEWHLENDGQHWNRLHDDAAALSDAGITAIWIPPAYKGNSQADVGYGAYDLYDLGEFNQKGTVRTKYGTK
AQLERAIGSLKSNDINVYGDVVMNHKMGADFTEAVQAVQVNPTNRWQDISGAYTIDAWTGFDFSGRNNAYSDFKWRWFHF
NGVDWDQRYQENHIFRFANTNWNWRVDEENGNYDYLLGSNIDFSHPEVQDELKDWGSWFTDELDLDGYRLDAIKHIPFWY
TSDWVRHQRNEADQDLFVVGEYWKDDVGALEFYLDEMNWEMSLFDVPLNYNFYRASQQGGSYDMRNILRGSLVEAHPMHA
VTFVDNHDTQPGESLESWVADWFKPLAYATILTREGGYPNVFYGDYYGIPNDNISAKKDMIDELLDARQNYAYGTQHDYF
DHWDVVGWTREGSSSRPNSGLATIMSNGPGGSKWMYVGRQNAGQTWTDLTGNNGASVTINGDGWGEFFTNGGSVSVYVNQ
;
_entity_poly.pdbx_strand_id   A
#
loop_
_chem_comp.id
_chem_comp.type
_chem_comp.name
_chem_comp.formula
NA non-polymer 'SODIUM ION' 'Na 1'
#
# COMPACT_ATOMS: atom_id res chain seq x y z
N ASP A 1 8.32 22.33 -0.25
CA ASP A 1 8.62 23.36 0.77
C ASP A 1 8.47 22.81 2.17
N GLY A 2 9.28 21.82 2.50
CA GLY A 2 9.21 21.23 3.83
C GLY A 2 7.82 20.70 4.18
N LEU A 3 6.89 20.78 3.23
CA LEU A 3 5.53 20.29 3.45
C LEU A 3 5.55 18.78 3.65
N ASN A 4 4.85 18.31 4.68
CA ASN A 4 4.77 16.88 4.96
C ASN A 4 4.11 16.14 3.81
N GLY A 5 4.58 14.92 3.55
CA GLY A 5 4.04 14.14 2.46
C GLY A 5 2.97 13.19 2.94
N THR A 6 1.93 13.05 2.13
CA THR A 6 0.83 12.16 2.46
C THR A 6 0.39 11.48 1.17
N MET A 7 0.41 10.15 1.18
CA MET A 7 0.06 9.35 0.03
C MET A 7 -1.37 8.83 0.09
N MET A 8 -1.98 8.64 -1.08
CA MET A 8 -3.33 8.10 -1.14
C MET A 8 -3.48 6.95 -2.14
N GLN A 9 -4.06 5.86 -1.69
CA GLN A 9 -4.32 4.72 -2.55
C GLN A 9 -5.64 5.10 -3.18
N TYR A 10 -5.62 5.51 -4.44
CA TYR A 10 -6.85 5.94 -5.12
C TYR A 10 -7.71 4.85 -5.76
N TYR A 11 -8.21 3.93 -4.94
CA TYR A 11 -9.10 2.87 -5.41
C TYR A 11 -9.40 1.94 -4.25
N GLU A 12 -10.49 1.19 -4.38
CA GLU A 12 -10.90 0.24 -3.36
C GLU A 12 -11.33 -1.00 -4.12
N TRP A 13 -11.45 -2.12 -3.44
CA TRP A 13 -11.81 -3.35 -4.11
C TRP A 13 -13.13 -3.34 -4.88
N HIS A 14 -14.18 -2.79 -4.27
CA HIS A 14 -15.49 -2.77 -4.90
C HIS A 14 -15.87 -1.52 -5.68
N LEU A 15 -14.87 -0.88 -6.29
CA LEU A 15 -15.12 0.30 -7.11
C LEU A 15 -15.99 -0.16 -8.26
N GLU A 16 -16.67 0.78 -8.89
CA GLU A 16 -17.53 0.46 -10.03
C GLU A 16 -16.70 0.17 -11.26
N ASN A 17 -17.13 -0.83 -12.02
CA ASN A 17 -16.46 -1.16 -13.26
C ASN A 17 -17.12 -0.35 -14.37
N ASP A 18 -17.14 0.97 -14.20
CA ASP A 18 -17.73 1.87 -15.18
C ASP A 18 -16.65 2.53 -16.05
N GLY A 19 -15.40 2.12 -15.83
CA GLY A 19 -14.27 2.65 -16.58
C GLY A 19 -14.13 4.16 -16.48
N GLN A 20 -14.69 4.74 -15.42
CA GLN A 20 -14.65 6.18 -15.21
C GLN A 20 -13.72 6.63 -14.10
N HIS A 21 -13.06 5.67 -13.44
CA HIS A 21 -12.16 6.01 -12.35
C HIS A 21 -11.00 6.92 -12.74
N TRP A 22 -10.43 6.75 -13.94
CA TRP A 22 -9.31 7.61 -14.32
C TRP A 22 -9.82 9.05 -14.43
N ASN A 23 -11.03 9.22 -14.95
CA ASN A 23 -11.58 10.56 -15.07
C ASN A 23 -11.88 11.17 -13.71
N ARG A 24 -12.31 10.34 -12.77
CA ARG A 24 -12.59 10.80 -11.40
C ARG A 24 -11.30 11.39 -10.84
N LEU A 25 -10.19 10.68 -11.06
CA LEU A 25 -8.88 11.10 -10.59
C LEU A 25 -8.50 12.46 -11.21
N HIS A 26 -8.75 12.61 -12.49
CA HIS A 26 -8.43 13.86 -13.16
C HIS A 26 -9.18 15.07 -12.58
N ASP A 27 -10.36 14.86 -12.03
CA ASP A 27 -11.12 15.98 -11.49
C ASP A 27 -10.89 16.18 -10.00
N ASP A 28 -10.66 15.09 -9.30
CA ASP A 28 -10.45 15.14 -7.87
C ASP A 28 -9.04 15.61 -7.56
N ALA A 29 -8.23 15.79 -8.59
CA ALA A 29 -6.84 16.21 -8.44
C ALA A 29 -6.62 17.37 -7.47
N ALA A 30 -7.03 18.56 -7.90
CA ALA A 30 -6.89 19.76 -7.08
C ALA A 30 -7.45 19.57 -5.68
N ALA A 31 -8.69 19.11 -5.60
CA ALA A 31 -9.32 18.89 -4.31
C ALA A 31 -8.37 18.08 -3.43
N LEU A 32 -7.81 17.02 -3.99
CA LEU A 32 -6.90 16.16 -3.26
C LEU A 32 -5.61 16.88 -2.86
N SER A 33 -5.06 17.65 -3.78
CA SER A 33 -3.84 18.41 -3.49
C SER A 33 -4.16 19.29 -2.29
N ASP A 34 -5.22 20.05 -2.47
CA ASP A 34 -5.75 20.98 -1.50
C ASP A 34 -5.94 20.40 -0.11
N ALA A 35 -6.38 19.15 -0.03
CA ALA A 35 -6.61 18.52 1.28
C ALA A 35 -5.33 18.12 2.00
N GLY A 36 -4.23 18.06 1.28
CA GLY A 36 -2.96 17.68 1.88
C GLY A 36 -2.35 16.43 1.28
N ILE A 37 -2.96 15.93 0.20
CA ILE A 37 -2.46 14.75 -0.48
C ILE A 37 -1.38 15.17 -1.48
N THR A 38 -0.18 14.60 -1.33
CA THR A 38 0.93 14.95 -2.21
C THR A 38 1.33 13.86 -3.21
N ALA A 39 0.86 12.64 -3.00
CA ALA A 39 1.17 11.55 -3.89
C ALA A 39 0.05 10.54 -3.96
N ILE A 40 -0.28 10.10 -5.16
CA ILE A 40 -1.33 9.12 -5.37
C ILE A 40 -0.72 7.80 -5.83
N TRP A 41 -1.21 6.71 -5.27
CA TRP A 41 -0.77 5.38 -5.65
C TRP A 41 -1.92 4.84 -6.50
N ILE A 42 -1.70 4.67 -7.80
CA ILE A 42 -2.76 4.16 -8.67
C ILE A 42 -2.75 2.64 -8.69
N PRO A 43 -3.90 2.02 -8.99
CA PRO A 43 -3.99 0.55 -9.05
C PRO A 43 -3.33 0.02 -10.32
N PRO A 44 -3.18 -1.31 -10.46
CA PRO A 44 -2.56 -1.80 -11.69
C PRO A 44 -3.29 -1.18 -12.89
N ALA A 45 -2.56 -0.49 -13.76
CA ALA A 45 -3.17 0.18 -14.91
C ALA A 45 -3.11 -0.59 -16.24
N TYR A 46 -2.74 -1.87 -16.18
CA TYR A 46 -2.66 -2.68 -17.39
C TYR A 46 -3.72 -3.78 -17.42
N LYS A 47 -3.95 -4.32 -18.62
CA LYS A 47 -4.98 -5.34 -18.84
C LYS A 47 -4.94 -6.57 -17.94
N GLY A 48 -6.03 -6.79 -17.22
CA GLY A 48 -6.11 -7.94 -16.34
C GLY A 48 -6.87 -9.09 -17.01
N ASN A 49 -7.08 -10.15 -16.23
CA ASN A 49 -7.78 -11.35 -16.69
C ASN A 49 -9.05 -10.99 -17.46
N SER A 50 -9.79 -10.03 -16.92
CA SER A 50 -11.00 -9.54 -17.55
C SER A 50 -11.08 -8.05 -17.24
N GLN A 51 -12.07 -7.39 -17.81
CA GLN A 51 -12.23 -5.95 -17.59
C GLN A 51 -12.57 -5.61 -16.13
N ALA A 52 -13.41 -6.40 -15.48
CA ALA A 52 -13.80 -6.12 -14.11
C ALA A 52 -12.68 -6.44 -13.13
N ASP A 53 -11.54 -6.88 -13.64
CA ASP A 53 -10.40 -7.23 -12.79
C ASP A 53 -9.84 -5.99 -12.09
N VAL A 54 -9.49 -6.15 -10.82
CA VAL A 54 -8.95 -5.03 -10.04
C VAL A 54 -7.54 -4.68 -10.48
N GLY A 55 -6.88 -5.62 -11.17
CA GLY A 55 -5.54 -5.35 -11.67
C GLY A 55 -4.47 -6.38 -11.36
N TYR A 56 -4.69 -7.16 -10.31
CA TYR A 56 -3.72 -8.15 -9.92
C TYR A 56 -3.80 -9.43 -10.75
N GLY A 57 -4.90 -9.57 -11.48
CA GLY A 57 -5.05 -10.71 -12.36
C GLY A 57 -4.43 -10.26 -13.66
N ALA A 58 -3.22 -9.70 -13.56
CA ALA A 58 -2.50 -9.15 -14.70
C ALA A 58 -2.29 -10.08 -15.89
N TYR A 59 -2.63 -9.57 -17.07
CA TYR A 59 -2.48 -10.32 -18.31
C TYR A 59 -1.45 -9.72 -19.27
N ASP A 60 -1.59 -8.45 -19.61
CA ASP A 60 -0.66 -7.80 -20.52
C ASP A 60 -0.17 -6.42 -20.05
N LEU A 61 0.99 -6.42 -19.38
CA LEU A 61 1.59 -5.20 -18.83
C LEU A 61 1.83 -4.07 -19.81
N TYR A 62 1.65 -4.32 -21.11
CA TYR A 62 1.86 -3.27 -22.11
C TYR A 62 0.51 -2.71 -22.58
N ASP A 63 -0.55 -3.38 -22.18
CA ASP A 63 -1.90 -2.97 -22.55
C ASP A 63 -2.53 -2.14 -21.43
N LEU A 64 -2.33 -0.83 -21.49
CA LEU A 64 -2.88 0.06 -20.46
C LEU A 64 -4.27 0.56 -20.86
N GLY A 65 -5.16 -0.38 -21.22
CA GLY A 65 -6.49 0.00 -21.64
C GLY A 65 -6.41 0.68 -23.00
N GLU A 66 -5.62 0.09 -23.90
CA GLU A 66 -5.43 0.64 -25.24
C GLU A 66 -5.75 -0.38 -26.34
N PHE A 67 -5.67 -1.66 -26.01
CA PHE A 67 -5.95 -2.70 -26.98
C PHE A 67 -7.11 -3.59 -26.56
N ASN A 68 -7.92 -3.99 -27.53
CA ASN A 68 -9.07 -4.87 -27.27
C ASN A 68 -8.53 -6.26 -26.95
N GLN A 69 -8.36 -6.55 -25.66
CA GLN A 69 -7.87 -7.86 -25.24
C GLN A 69 -8.60 -8.29 -23.97
N LYS A 70 -8.77 -9.60 -23.83
CA LYS A 70 -9.46 -10.17 -22.68
C LYS A 70 -10.89 -9.66 -22.54
N GLY A 71 -11.54 -9.46 -23.68
CA GLY A 71 -12.91 -9.02 -23.70
C GLY A 71 -13.14 -7.54 -23.54
N THR A 72 -12.06 -6.76 -23.59
CA THR A 72 -12.17 -5.32 -23.42
C THR A 72 -11.01 -4.51 -23.95
N VAL A 73 -11.27 -3.23 -24.21
CA VAL A 73 -10.25 -2.32 -24.68
C VAL A 73 -9.75 -1.59 -23.46
N ARG A 74 -10.68 -1.07 -22.66
CA ARG A 74 -10.32 -0.32 -21.44
C ARG A 74 -10.15 -1.24 -20.23
N THR A 75 -9.47 -0.74 -19.21
CA THR A 75 -9.31 -1.50 -17.97
C THR A 75 -10.52 -1.10 -17.13
N LYS A 76 -10.67 -1.66 -15.92
CA LYS A 76 -11.80 -1.33 -15.07
C LYS A 76 -11.81 0.15 -14.74
N TYR A 77 -10.61 0.74 -14.77
CA TYR A 77 -10.45 2.14 -14.43
C TYR A 77 -10.63 3.11 -15.60
N GLY A 78 -10.46 2.62 -16.82
CA GLY A 78 -10.64 3.50 -17.97
C GLY A 78 -9.63 3.24 -19.07
N THR A 79 -9.56 4.16 -20.03
CA THR A 79 -8.62 3.99 -21.15
C THR A 79 -7.25 4.59 -20.87
N LYS A 80 -6.30 4.26 -21.73
CA LYS A 80 -4.93 4.76 -21.61
C LYS A 80 -4.92 6.28 -21.72
N ALA A 81 -5.65 6.83 -22.68
CA ALA A 81 -5.70 8.27 -22.84
C ALA A 81 -6.27 8.95 -21.59
N GLN A 82 -7.25 8.31 -20.96
CA GLN A 82 -7.86 8.90 -19.76
C GLN A 82 -6.90 8.82 -18.59
N LEU A 83 -6.05 7.80 -18.58
CA LEU A 83 -5.08 7.64 -17.50
C LEU A 83 -3.98 8.69 -17.62
N GLU A 84 -3.56 8.94 -18.85
CA GLU A 84 -2.53 9.93 -19.13
C GLU A 84 -3.06 11.33 -18.86
N ARG A 85 -4.33 11.54 -19.16
CA ARG A 85 -4.98 12.81 -18.93
C ARG A 85 -5.05 13.03 -17.42
N ALA A 86 -5.29 11.96 -16.68
CA ALA A 86 -5.35 12.03 -15.23
C ALA A 86 -3.99 12.37 -14.66
N ILE A 87 -2.99 11.55 -14.97
CA ILE A 87 -1.62 11.76 -14.49
C ILE A 87 -1.12 13.16 -14.76
N GLY A 88 -1.57 13.75 -15.87
CA GLY A 88 -1.17 15.10 -16.18
C GLY A 88 -1.74 16.05 -15.16
N SER A 89 -3.02 15.87 -14.84
CA SER A 89 -3.70 16.71 -13.87
C SER A 89 -3.01 16.65 -12.52
N LEU A 90 -2.69 15.44 -12.07
CA LEU A 90 -2.02 15.25 -10.80
C LEU A 90 -0.72 16.05 -10.77
N LYS A 91 0.08 15.93 -11.83
CA LYS A 91 1.34 16.64 -11.92
C LYS A 91 1.13 18.14 -11.74
N SER A 92 0.17 18.69 -12.47
CA SER A 92 -0.11 20.11 -12.39
C SER A 92 -0.54 20.54 -10.99
N ASN A 93 -1.07 19.59 -10.22
CA ASN A 93 -1.51 19.90 -8.88
C ASN A 93 -0.55 19.35 -7.84
N ASP A 94 0.72 19.29 -8.23
CA ASP A 94 1.78 18.83 -7.36
C ASP A 94 1.55 17.52 -6.62
N ILE A 95 1.12 16.50 -7.36
CA ILE A 95 0.89 15.20 -6.77
C ILE A 95 1.72 14.16 -7.52
N ASN A 96 2.62 13.48 -6.82
CA ASN A 96 3.44 12.44 -7.45
C ASN A 96 2.57 11.27 -7.79
N VAL A 97 2.99 10.50 -8.78
CA VAL A 97 2.23 9.32 -9.19
C VAL A 97 3.07 8.05 -9.02
N TYR A 98 2.61 7.16 -8.13
CA TYR A 98 3.32 5.91 -7.94
C TYR A 98 2.50 4.80 -8.57
N GLY A 99 3.07 4.09 -9.55
CA GLY A 99 2.35 3.02 -10.20
C GLY A 99 2.43 1.68 -9.48
N ASP A 100 1.33 0.93 -9.48
CA ASP A 100 1.32 -0.38 -8.84
C ASP A 100 1.98 -1.34 -9.83
N VAL A 101 2.96 -2.11 -9.37
CA VAL A 101 3.65 -3.04 -10.26
C VAL A 101 3.52 -4.51 -9.86
N VAL A 102 2.89 -5.28 -10.74
CA VAL A 102 2.63 -6.72 -10.55
C VAL A 102 3.52 -7.60 -11.43
N MET A 103 4.58 -8.17 -10.85
CA MET A 103 5.50 -9.01 -11.62
C MET A 103 5.58 -10.44 -11.09
N ASN A 104 4.90 -10.73 -10.00
CA ASN A 104 4.95 -12.07 -9.43
C ASN A 104 4.39 -13.18 -10.30
N HIS A 105 3.37 -12.85 -11.10
CA HIS A 105 2.70 -13.84 -11.94
C HIS A 105 2.01 -13.20 -13.14
N LYS A 106 1.25 -14.03 -13.82
CA LYS A 106 0.45 -13.62 -14.96
C LYS A 106 -0.78 -14.52 -14.92
N MET A 107 -1.89 -14.00 -15.44
CA MET A 107 -3.14 -14.74 -15.48
C MET A 107 -3.86 -14.41 -16.77
N GLY A 108 -4.71 -15.32 -17.21
CA GLY A 108 -5.46 -15.11 -18.44
C GLY A 108 -4.67 -15.49 -19.67
N ALA A 109 -3.87 -16.54 -19.57
CA ALA A 109 -3.08 -17.00 -20.71
C ALA A 109 -4.03 -17.25 -21.85
N ASP A 110 -3.56 -17.11 -23.09
CA ASP A 110 -4.41 -17.31 -24.26
C ASP A 110 -4.65 -18.76 -24.64
N PHE A 111 -3.72 -19.64 -24.25
CA PHE A 111 -3.83 -21.06 -24.56
C PHE A 111 -2.96 -21.88 -23.64
N THR A 112 -3.31 -23.15 -23.45
CA THR A 112 -2.54 -24.05 -22.59
C THR A 112 -1.35 -24.69 -23.29
N GLU A 113 -0.53 -25.40 -22.52
CA GLU A 113 0.66 -26.05 -23.04
C GLU A 113 0.97 -27.31 -22.20
N ALA A 114 1.40 -28.38 -22.87
CA ALA A 114 1.73 -29.62 -22.18
C ALA A 114 2.98 -29.39 -21.35
N VAL A 115 2.91 -29.69 -20.06
CA VAL A 115 4.06 -29.48 -19.19
C VAL A 115 4.25 -30.60 -18.16
N GLN A 116 5.51 -30.99 -17.96
CA GLN A 116 5.81 -32.01 -16.96
C GLN A 116 5.70 -31.29 -15.63
N ALA A 117 4.94 -31.87 -14.71
CA ALA A 117 4.76 -31.25 -13.41
C ALA A 117 4.67 -32.26 -12.29
N VAL A 118 4.90 -31.79 -11.08
CA VAL A 118 4.81 -32.61 -9.89
C VAL A 118 3.95 -31.87 -8.87
N GLN A 119 3.14 -32.62 -8.12
CA GLN A 119 2.30 -31.99 -7.10
C GLN A 119 3.16 -31.77 -5.86
N VAL A 120 3.00 -30.60 -5.24
CA VAL A 120 3.75 -30.32 -4.03
C VAL A 120 2.79 -30.20 -2.87
N ASN A 121 3.34 -30.22 -1.66
CA ASN A 121 2.54 -30.11 -0.45
C ASN A 121 2.28 -28.62 -0.26
N PRO A 122 1.00 -28.21 -0.26
CA PRO A 122 0.61 -26.81 -0.09
C PRO A 122 1.27 -26.10 1.11
N THR A 123 1.41 -26.81 2.22
CA THR A 123 2.01 -26.25 3.43
C THR A 123 3.54 -26.31 3.43
N ASN A 124 4.11 -27.00 2.45
CA ASN A 124 5.56 -27.11 2.31
C ASN A 124 5.94 -27.44 0.88
N ARG A 125 5.97 -26.40 0.04
CA ARG A 125 6.28 -26.54 -1.38
C ARG A 125 7.59 -27.24 -1.70
N TRP A 126 8.40 -27.51 -0.67
CA TRP A 126 9.66 -28.20 -0.90
C TRP A 126 9.35 -29.68 -1.11
N GLN A 127 8.28 -30.14 -0.48
CA GLN A 127 7.85 -31.54 -0.52
C GLN A 127 6.87 -31.93 -1.63
N ASP A 128 7.30 -32.83 -2.50
CA ASP A 128 6.45 -33.30 -3.59
C ASP A 128 5.49 -34.33 -3.04
N ILE A 129 4.24 -34.30 -3.49
CA ILE A 129 3.25 -35.24 -3.01
C ILE A 129 2.82 -36.17 -4.13
N SER A 130 3.41 -35.98 -5.31
CA SER A 130 3.09 -36.80 -6.48
C SER A 130 4.29 -36.87 -7.41
N GLY A 131 4.26 -37.84 -8.31
CA GLY A 131 5.34 -37.99 -9.26
C GLY A 131 5.14 -37.10 -10.46
N ALA A 132 6.16 -36.97 -11.29
CA ALA A 132 6.06 -36.12 -12.47
C ALA A 132 5.10 -36.70 -13.51
N TYR A 133 4.29 -35.84 -14.10
CA TYR A 133 3.36 -36.26 -15.14
C TYR A 133 2.96 -35.03 -15.94
N THR A 134 2.40 -35.26 -17.12
CA THR A 134 2.02 -34.15 -17.98
C THR A 134 0.68 -33.49 -17.67
N ILE A 135 0.73 -32.18 -17.45
CA ILE A 135 -0.47 -31.39 -17.17
C ILE A 135 -0.64 -30.35 -18.29
N ASP A 136 -1.84 -29.79 -18.41
CA ASP A 136 -2.07 -28.77 -19.43
C ASP A 136 -2.31 -27.45 -18.71
N ALA A 137 -1.25 -26.67 -18.56
CA ALA A 137 -1.30 -25.38 -17.89
C ALA A 137 -1.51 -24.25 -18.87
N TRP A 138 -2.10 -23.15 -18.39
CA TRP A 138 -2.36 -21.97 -19.21
C TRP A 138 -1.16 -21.03 -19.18
N THR A 139 -0.19 -21.30 -20.03
CA THR A 139 1.03 -20.51 -20.05
C THR A 139 1.36 -19.75 -21.33
N GLY A 140 0.57 -19.96 -22.38
CA GLY A 140 0.82 -19.27 -23.64
C GLY A 140 0.22 -17.88 -23.73
N PHE A 141 1.07 -16.88 -23.93
CA PHE A 141 0.60 -15.49 -24.04
C PHE A 141 1.05 -14.87 -25.34
N ASP A 142 0.09 -14.44 -26.16
CA ASP A 142 0.43 -13.85 -27.44
C ASP A 142 0.03 -12.38 -27.57
N PHE A 143 -0.82 -11.91 -26.67
CA PHE A 143 -1.26 -10.52 -26.70
C PHE A 143 -1.72 -10.11 -28.10
N SER A 144 -2.37 -11.04 -28.79
CA SER A 144 -2.87 -10.85 -30.14
C SER A 144 -3.35 -9.44 -30.48
N GLY A 145 -4.27 -8.92 -29.67
CA GLY A 145 -4.81 -7.60 -29.91
C GLY A 145 -3.83 -6.43 -29.88
N ARG A 146 -2.69 -6.62 -29.21
CA ARG A 146 -1.68 -5.57 -29.09
C ARG A 146 -0.88 -5.41 -30.37
N ASN A 147 -0.70 -6.52 -31.09
CA ASN A 147 0.02 -6.52 -32.36
C ASN A 147 1.51 -6.22 -32.21
N ASN A 148 2.06 -6.58 -31.05
CA ASN A 148 3.49 -6.37 -30.76
C ASN A 148 3.93 -4.92 -30.55
N ALA A 149 2.99 -4.01 -30.31
CA ALA A 149 3.34 -2.62 -30.07
C ALA A 149 4.12 -2.61 -28.79
N TYR A 150 5.16 -1.77 -28.72
CA TYR A 150 6.01 -1.66 -27.53
C TYR A 150 6.91 -2.85 -27.26
N SER A 151 6.39 -4.06 -27.50
CA SER A 151 7.14 -5.27 -27.25
C SER A 151 6.56 -6.46 -28.01
N ASP A 152 7.45 -7.29 -28.53
CA ASP A 152 7.06 -8.45 -29.30
C ASP A 152 7.33 -9.71 -28.49
N PHE A 153 7.66 -9.53 -27.21
CA PHE A 153 7.95 -10.64 -26.34
C PHE A 153 6.66 -11.39 -26.02
N LYS A 154 6.69 -12.72 -26.18
CA LYS A 154 5.53 -13.56 -25.92
C LYS A 154 5.92 -14.50 -24.79
N TRP A 155 4.97 -14.85 -23.95
CA TRP A 155 5.29 -15.73 -22.82
C TRP A 155 4.85 -17.16 -23.09
N ARG A 156 5.68 -18.09 -22.63
CA ARG A 156 5.44 -19.52 -22.78
C ARG A 156 5.73 -20.19 -21.44
N TRP A 157 5.30 -21.43 -21.29
CA TRP A 157 5.48 -22.15 -20.06
C TRP A 157 6.91 -22.18 -19.50
N PHE A 158 7.91 -22.28 -20.36
CA PHE A 158 9.28 -22.35 -19.87
C PHE A 158 9.78 -21.09 -19.17
N HIS A 159 8.93 -20.08 -19.08
CA HIS A 159 9.25 -18.83 -18.40
C HIS A 159 8.69 -18.90 -16.97
N PHE A 160 7.72 -19.80 -16.77
CA PHE A 160 7.09 -19.97 -15.48
C PHE A 160 7.70 -21.21 -14.82
N ASN A 161 7.29 -21.51 -13.59
CA ASN A 161 7.79 -22.68 -12.89
C ASN A 161 6.69 -23.35 -12.07
N GLY A 162 5.47 -22.83 -12.16
CA GLY A 162 4.36 -23.41 -11.42
C GLY A 162 3.00 -22.77 -11.65
N VAL A 163 1.94 -23.54 -11.44
CA VAL A 163 0.57 -23.08 -11.59
C VAL A 163 -0.27 -23.86 -10.58
N ASP A 164 -1.52 -23.44 -10.35
CA ASP A 164 -2.39 -24.13 -9.40
C ASP A 164 -3.58 -24.82 -10.05
N TRP A 165 -3.53 -25.00 -11.37
CA TRP A 165 -4.63 -25.65 -12.09
C TRP A 165 -4.18 -26.42 -13.32
N ASP A 166 -4.58 -27.68 -13.38
CA ASP A 166 -4.26 -28.55 -14.51
C ASP A 166 -5.52 -28.72 -15.35
N GLN A 167 -5.49 -28.19 -16.57
CA GLN A 167 -6.65 -28.26 -17.46
C GLN A 167 -6.86 -29.63 -18.08
N ARG A 168 -5.81 -30.45 -18.10
CA ARG A 168 -5.92 -31.79 -18.68
C ARG A 168 -6.91 -32.63 -17.90
N TYR A 169 -6.66 -32.83 -16.61
CA TYR A 169 -7.56 -33.62 -15.79
C TYR A 169 -8.51 -32.72 -14.99
N GLN A 170 -8.33 -31.40 -15.16
CA GLN A 170 -9.16 -30.44 -14.46
C GLN A 170 -9.21 -30.68 -12.96
N GLU A 171 -8.15 -30.27 -12.27
CA GLU A 171 -8.05 -30.43 -10.82
C GLU A 171 -7.22 -29.28 -10.29
N ASN A 172 -7.31 -29.02 -8.99
CA ASN A 172 -6.50 -27.98 -8.40
C ASN A 172 -5.40 -28.62 -7.59
N HIS A 173 -4.19 -28.12 -7.79
CA HIS A 173 -3.00 -28.61 -7.09
C HIS A 173 -1.94 -27.52 -7.21
N ILE A 174 -0.96 -27.52 -6.31
CA ILE A 174 0.09 -26.54 -6.43
C ILE A 174 1.13 -27.31 -7.21
N PHE A 175 1.22 -27.01 -8.50
CA PHE A 175 2.15 -27.71 -9.38
C PHE A 175 3.46 -26.98 -9.60
N ARG A 176 4.57 -27.70 -9.37
CA ARG A 176 5.87 -27.15 -9.65
C ARG A 176 6.23 -27.77 -11.00
N PHE A 177 6.63 -26.95 -11.96
CA PHE A 177 7.02 -27.50 -13.25
C PHE A 177 8.21 -28.41 -12.97
N ALA A 178 8.21 -29.60 -13.56
CA ALA A 178 9.30 -30.56 -13.35
C ALA A 178 10.60 -29.99 -13.90
N ASN A 179 11.68 -30.20 -13.16
CA ASN A 179 12.99 -29.70 -13.58
C ASN A 179 13.13 -28.18 -13.51
N THR A 180 12.35 -27.56 -12.63
CA THR A 180 12.44 -26.12 -12.41
C THR A 180 12.46 -26.02 -10.89
N ASN A 181 13.10 -24.99 -10.34
CA ASN A 181 13.13 -24.83 -8.89
C ASN A 181 12.26 -23.66 -8.50
N TRP A 182 11.78 -23.68 -7.26
CA TRP A 182 10.98 -22.58 -6.74
C TRP A 182 11.96 -21.42 -6.64
N ASN A 183 11.50 -20.21 -6.92
CA ASN A 183 12.35 -19.02 -6.82
C ASN A 183 13.02 -18.94 -5.44
N TRP A 184 14.13 -18.21 -5.38
CA TRP A 184 14.85 -18.05 -4.13
C TRP A 184 15.83 -16.87 -4.23
N ARG A 185 15.98 -16.10 -3.16
CA ARG A 185 15.26 -16.31 -1.90
C ARG A 185 13.85 -15.69 -1.90
N VAL A 186 12.95 -16.31 -1.13
CA VAL A 186 11.56 -15.84 -0.99
C VAL A 186 11.06 -16.18 0.40
N ASP A 187 9.91 -15.63 0.79
CA ASP A 187 9.35 -15.89 2.11
C ASP A 187 9.29 -17.39 2.38
N GLU A 188 9.73 -17.80 3.57
CA GLU A 188 9.76 -19.21 3.93
C GLU A 188 8.52 -19.78 4.59
N GLU A 189 7.37 -19.14 4.41
CA GLU A 189 6.14 -19.68 4.96
C GLU A 189 5.67 -20.75 3.99
N ASN A 190 5.28 -21.90 4.51
CA ASN A 190 4.85 -23.04 3.68
C ASN A 190 6.11 -23.62 3.07
N GLY A 191 7.24 -23.42 3.74
CA GLY A 191 8.51 -23.90 3.23
C GLY A 191 9.06 -22.87 2.27
N ASN A 192 8.43 -22.79 1.10
CA ASN A 192 8.82 -21.84 0.07
C ASN A 192 7.53 -21.24 -0.47
N TYR A 193 7.37 -19.93 -0.27
CA TYR A 193 6.16 -19.24 -0.67
C TYR A 193 6.31 -18.54 -2.02
N ASP A 194 7.13 -19.11 -2.89
CA ASP A 194 7.32 -18.52 -4.21
C ASP A 194 6.00 -18.57 -4.98
N TYR A 195 5.28 -19.68 -4.86
CA TYR A 195 4.01 -19.81 -5.56
C TYR A 195 2.84 -19.24 -4.79
N LEU A 196 2.07 -18.38 -5.46
CA LEU A 196 0.91 -17.78 -4.83
C LEU A 196 -0.35 -18.09 -5.62
N LEU A 197 -0.40 -17.60 -6.86
CA LEU A 197 -1.57 -17.83 -7.71
C LEU A 197 -1.19 -17.61 -9.18
N GLY A 198 -2.07 -18.02 -10.08
CA GLY A 198 -1.81 -17.86 -11.51
C GLY A 198 -0.54 -18.53 -11.97
N SER A 199 0.00 -18.09 -13.11
CA SER A 199 1.24 -18.66 -13.62
C SER A 199 2.41 -17.94 -12.95
N ASN A 200 3.13 -18.68 -12.10
CA ASN A 200 4.25 -18.11 -11.37
C ASN A 200 5.51 -17.99 -12.21
N ILE A 201 5.99 -16.76 -12.35
CA ILE A 201 7.19 -16.44 -13.11
C ILE A 201 8.50 -16.91 -12.46
N ASP A 202 9.35 -17.56 -13.25
CA ASP A 202 10.64 -18.05 -12.75
C ASP A 202 11.68 -17.03 -13.18
N PHE A 203 12.26 -16.31 -12.21
CA PHE A 203 13.23 -15.27 -12.53
C PHE A 203 14.65 -15.73 -12.83
N SER A 204 14.91 -17.03 -12.66
CA SER A 204 16.22 -17.60 -12.93
C SER A 204 16.59 -17.47 -14.40
N HIS A 205 15.58 -17.30 -15.26
CA HIS A 205 15.81 -17.15 -16.69
C HIS A 205 16.18 -15.71 -17.05
N PRO A 206 17.37 -15.52 -17.65
CA PRO A 206 17.82 -14.19 -18.04
C PRO A 206 16.88 -13.39 -18.94
N GLU A 207 16.18 -14.07 -19.84
CA GLU A 207 15.26 -13.37 -20.74
C GLU A 207 14.04 -12.82 -20.00
N VAL A 208 13.76 -13.40 -18.84
CA VAL A 208 12.64 -12.93 -18.02
C VAL A 208 13.15 -11.67 -17.32
N GLN A 209 14.26 -11.80 -16.61
CA GLN A 209 14.89 -10.70 -15.89
C GLN A 209 15.01 -9.42 -16.72
N ASP A 210 15.39 -9.57 -17.98
CA ASP A 210 15.55 -8.41 -18.84
C ASP A 210 14.24 -7.88 -19.39
N GLU A 211 13.28 -8.78 -19.61
CA GLU A 211 11.98 -8.38 -20.15
C GLU A 211 11.24 -7.52 -19.14
N LEU A 212 11.23 -7.93 -17.89
CA LEU A 212 10.55 -7.14 -16.87
C LEU A 212 11.33 -5.86 -16.58
N LYS A 213 12.65 -5.90 -16.71
CA LYS A 213 13.45 -4.69 -16.50
C LYS A 213 13.11 -3.77 -17.66
N ASP A 214 13.18 -4.30 -18.87
CA ASP A 214 12.84 -3.50 -20.04
C ASP A 214 11.43 -2.93 -19.95
N TRP A 215 10.49 -3.76 -19.53
CA TRP A 215 9.12 -3.32 -19.41
C TRP A 215 9.03 -2.20 -18.38
N GLY A 216 9.57 -2.47 -17.19
CA GLY A 216 9.56 -1.49 -16.11
C GLY A 216 10.00 -0.11 -16.58
N SER A 217 11.07 -0.06 -17.37
CA SER A 217 11.54 1.21 -17.86
C SER A 217 10.51 1.77 -18.85
N TRP A 218 10.03 0.93 -19.78
CA TRP A 218 9.03 1.36 -20.76
C TRP A 218 7.85 1.97 -20.05
N PHE A 219 7.36 1.23 -19.06
CA PHE A 219 6.24 1.62 -18.21
C PHE A 219 6.53 2.98 -17.58
N THR A 220 7.59 3.02 -16.77
CA THR A 220 7.98 4.25 -16.10
C THR A 220 8.10 5.47 -17.01
N ASP A 221 8.57 5.31 -18.25
CA ASP A 221 8.69 6.46 -19.14
C ASP A 221 7.34 6.82 -19.77
N GLU A 222 6.58 5.79 -20.12
CA GLU A 222 5.28 5.94 -20.74
C GLU A 222 4.29 6.71 -19.88
N LEU A 223 4.29 6.41 -18.58
CA LEU A 223 3.38 7.09 -17.66
C LEU A 223 4.08 8.22 -16.89
N ASP A 224 5.39 8.31 -17.03
CA ASP A 224 6.17 9.34 -16.36
C ASP A 224 6.03 9.23 -14.84
N LEU A 225 6.10 8.00 -14.35
CA LEU A 225 5.94 7.74 -12.93
C LEU A 225 6.95 8.47 -12.04
N ASP A 226 6.67 8.47 -10.73
CA ASP A 226 7.53 9.12 -9.75
C ASP A 226 7.85 8.09 -8.70
N GLY A 227 7.44 6.85 -8.96
CA GLY A 227 7.68 5.78 -8.03
C GLY A 227 6.82 4.56 -8.31
N TYR A 228 6.97 3.55 -7.48
CA TYR A 228 6.24 2.31 -7.65
C TYR A 228 5.75 1.76 -6.30
N ARG A 229 4.75 0.91 -6.38
CA ARG A 229 4.21 0.24 -5.21
C ARG A 229 4.37 -1.25 -5.61
N LEU A 230 5.53 -1.82 -5.30
CA LEU A 230 5.82 -3.21 -5.66
C LEU A 230 4.94 -4.23 -4.96
N ASP A 231 4.16 -4.97 -5.76
CA ASP A 231 3.20 -5.97 -5.27
C ASP A 231 3.77 -7.36 -4.96
N ALA A 232 3.16 -8.02 -3.97
CA ALA A 232 3.54 -9.38 -3.54
C ALA A 232 5.03 -9.71 -3.50
N ILE A 233 5.88 -8.71 -3.26
CA ILE A 233 7.32 -8.92 -3.23
C ILE A 233 7.85 -9.98 -2.27
N LYS A 234 6.98 -10.63 -1.51
CA LYS A 234 7.47 -11.65 -0.60
C LYS A 234 7.45 -12.99 -1.29
N HIS A 235 6.88 -13.01 -2.49
CA HIS A 235 6.77 -14.23 -3.28
C HIS A 235 7.71 -14.12 -4.45
N ILE A 236 8.33 -12.96 -4.60
CA ILE A 236 9.28 -12.70 -5.69
C ILE A 236 10.71 -12.80 -5.18
N PRO A 237 11.55 -13.61 -5.85
CA PRO A 237 12.94 -13.72 -5.37
C PRO A 237 13.46 -12.34 -4.98
N PHE A 238 13.94 -12.22 -3.74
CA PHE A 238 14.44 -10.94 -3.24
C PHE A 238 15.51 -10.29 -4.11
N TRP A 239 16.52 -11.07 -4.50
CA TRP A 239 17.58 -10.54 -5.32
C TRP A 239 17.09 -9.80 -6.56
N TYR A 240 16.10 -10.36 -7.26
CA TYR A 240 15.60 -9.72 -8.47
C TYR A 240 14.90 -8.39 -8.24
N THR A 241 14.13 -8.29 -7.14
CA THR A 241 13.43 -7.04 -6.84
C THR A 241 14.49 -5.96 -6.60
N SER A 242 15.50 -6.30 -5.81
CA SER A 242 16.58 -5.35 -5.54
C SER A 242 17.22 -4.98 -6.88
N ASP A 243 17.41 -5.99 -7.72
CA ASP A 243 17.98 -5.82 -9.04
C ASP A 243 17.15 -4.88 -9.89
N TRP A 244 15.87 -5.21 -10.01
CA TRP A 244 14.91 -4.43 -10.79
C TRP A 244 14.90 -2.96 -10.36
N VAL A 245 14.84 -2.72 -9.05
CA VAL A 245 14.82 -1.36 -8.51
C VAL A 245 16.05 -0.59 -8.96
N ARG A 246 17.23 -1.16 -8.73
CA ARG A 246 18.47 -0.52 -9.13
C ARG A 246 18.47 -0.26 -10.64
N HIS A 247 18.05 -1.25 -11.42
CA HIS A 247 18.01 -1.08 -12.88
C HIS A 247 17.09 0.09 -13.24
N GLN A 248 15.91 0.09 -12.65
CA GLN A 248 14.95 1.14 -12.92
C GLN A 248 15.45 2.55 -12.65
N ARG A 249 16.05 2.74 -11.47
CA ARG A 249 16.59 4.04 -11.07
C ARG A 249 17.71 4.46 -12.00
N ASN A 250 18.45 3.46 -12.46
CA ASN A 250 19.56 3.68 -13.35
C ASN A 250 19.11 4.27 -14.69
N GLU A 251 17.92 3.87 -15.14
CA GLU A 251 17.39 4.34 -16.41
C GLU A 251 16.63 5.66 -16.37
N ALA A 252 16.11 6.02 -15.21
CA ALA A 252 15.34 7.26 -15.08
C ALA A 252 16.06 8.46 -14.48
N ASP A 253 15.81 9.63 -15.06
CA ASP A 253 16.39 10.89 -14.58
C ASP A 253 15.66 11.29 -13.31
N GLN A 254 14.33 11.27 -13.34
CA GLN A 254 13.52 11.63 -12.18
C GLN A 254 13.75 10.65 -11.04
N ASP A 255 13.50 11.13 -9.83
CA ASP A 255 13.68 10.29 -8.65
C ASP A 255 12.59 9.24 -8.70
N LEU A 256 12.71 8.19 -7.88
CA LEU A 256 11.71 7.15 -7.89
C LEU A 256 11.42 6.56 -6.52
N PHE A 257 10.34 7.02 -5.89
CA PHE A 257 9.98 6.48 -4.58
C PHE A 257 9.60 5.03 -4.79
N VAL A 258 9.91 4.18 -3.83
CA VAL A 258 9.58 2.77 -3.97
C VAL A 258 9.15 2.11 -2.67
N VAL A 259 7.85 1.83 -2.55
CA VAL A 259 7.30 1.15 -1.38
C VAL A 259 6.91 -0.26 -1.80
N GLY A 260 7.42 -1.27 -1.10
CA GLY A 260 7.10 -2.64 -1.46
C GLY A 260 6.11 -3.27 -0.51
N GLU A 261 5.27 -4.15 -1.02
CA GLU A 261 4.29 -4.82 -0.18
C GLU A 261 4.75 -6.21 0.24
N TYR A 262 5.41 -6.30 1.39
CA TYR A 262 5.86 -7.58 1.93
C TYR A 262 4.87 -7.85 3.04
N TRP A 263 3.78 -8.54 2.69
CA TRP A 263 2.72 -8.79 3.66
C TRP A 263 2.93 -9.85 4.73
N LYS A 264 3.49 -9.42 5.86
CA LYS A 264 3.71 -10.34 6.96
C LYS A 264 3.64 -9.59 8.28
N ASP A 265 2.80 -10.08 9.20
CA ASP A 265 2.68 -9.46 10.51
C ASP A 265 3.92 -9.91 11.27
N ASP A 266 5.07 -9.36 10.87
CA ASP A 266 6.37 -9.69 11.45
C ASP A 266 7.36 -8.62 11.01
N VAL A 267 7.74 -7.75 11.93
CA VAL A 267 8.67 -6.69 11.58
C VAL A 267 10.04 -7.28 11.24
N GLY A 268 10.38 -8.39 11.90
CA GLY A 268 11.66 -9.03 11.65
C GLY A 268 11.76 -9.44 10.19
N ALA A 269 10.73 -10.12 9.72
CA ALA A 269 10.67 -10.55 8.34
C ALA A 269 10.89 -9.35 7.41
N LEU A 270 10.22 -8.24 7.71
CA LEU A 270 10.35 -7.03 6.90
C LEU A 270 11.75 -6.44 7.00
N GLU A 271 12.32 -6.47 8.21
CA GLU A 271 13.66 -5.92 8.42
C GLU A 271 14.63 -6.72 7.57
N PHE A 272 14.53 -8.05 7.67
CA PHE A 272 15.36 -8.96 6.90
C PHE A 272 15.30 -8.59 5.43
N TYR A 273 14.10 -8.47 4.88
CA TYR A 273 13.95 -8.12 3.48
C TYR A 273 14.62 -6.77 3.17
N LEU A 274 14.52 -5.82 4.09
CA LEU A 274 15.14 -4.52 3.87
C LEU A 274 16.66 -4.60 3.93
N ASP A 275 17.17 -5.67 4.55
CA ASP A 275 18.61 -5.86 4.62
C ASP A 275 19.05 -6.23 3.20
N GLU A 276 18.45 -7.30 2.65
CA GLU A 276 18.76 -7.75 1.30
C GLU A 276 18.48 -6.63 0.30
N MET A 277 17.60 -5.71 0.67
CA MET A 277 17.27 -4.59 -0.20
C MET A 277 18.28 -3.46 -0.10
N ASN A 278 18.98 -3.42 1.04
CA ASN A 278 19.96 -2.39 1.33
C ASN A 278 19.17 -1.10 1.49
N TRP A 279 18.05 -1.22 2.20
CA TRP A 279 17.12 -0.13 2.48
C TRP A 279 17.00 0.90 1.36
N GLU A 280 16.79 0.43 0.14
CA GLU A 280 16.65 1.31 -1.02
C GLU A 280 15.18 1.49 -1.37
N MET A 281 14.34 1.23 -0.38
CA MET A 281 12.89 1.34 -0.52
C MET A 281 12.28 1.20 0.86
N SER A 282 11.04 1.66 0.99
CA SER A 282 10.30 1.56 2.26
C SER A 282 9.33 0.39 2.08
N LEU A 283 8.67 0.00 3.15
CA LEU A 283 7.70 -1.10 3.06
C LEU A 283 6.45 -0.73 3.83
N PHE A 284 5.29 -1.19 3.36
CA PHE A 284 4.06 -0.91 4.06
C PHE A 284 4.17 -1.56 5.44
N ASP A 285 3.91 -0.77 6.47
CA ASP A 285 3.99 -1.24 7.85
C ASP A 285 2.86 -2.25 8.18
N VAL A 286 3.01 -3.47 7.71
CA VAL A 286 2.00 -4.50 7.95
C VAL A 286 1.83 -4.88 9.42
N PRO A 287 2.89 -4.78 10.24
CA PRO A 287 2.66 -5.16 11.63
C PRO A 287 1.75 -4.10 12.28
N LEU A 288 1.98 -2.84 11.92
CA LEU A 288 1.16 -1.76 12.45
C LEU A 288 -0.29 -2.04 12.08
N ASN A 289 -0.53 -2.42 10.82
CA ASN A 289 -1.88 -2.74 10.36
C ASN A 289 -2.59 -3.70 11.32
N TYR A 290 -1.88 -4.76 11.71
CA TYR A 290 -2.43 -5.75 12.64
C TYR A 290 -2.43 -5.26 14.09
N ASN A 291 -1.63 -4.25 14.38
CA ASN A 291 -1.63 -3.70 15.73
C ASN A 291 -2.98 -2.99 15.85
N PHE A 292 -3.27 -2.09 14.91
CA PHE A 292 -4.54 -1.39 14.88
C PHE A 292 -5.65 -2.43 14.89
N TYR A 293 -5.53 -3.43 14.04
CA TYR A 293 -6.55 -4.46 13.96
C TYR A 293 -6.84 -5.08 15.32
N ARG A 294 -5.79 -5.53 16.01
CA ARG A 294 -5.94 -6.14 17.32
C ARG A 294 -6.64 -5.19 18.27
N ALA A 295 -6.26 -3.92 18.22
CA ALA A 295 -6.86 -2.91 19.08
C ALA A 295 -8.36 -2.75 18.80
N SER A 296 -8.73 -2.80 17.53
CA SER A 296 -10.13 -2.66 17.09
C SER A 296 -11.02 -3.82 17.51
N GLN A 297 -10.50 -5.03 17.41
CA GLN A 297 -11.23 -6.24 17.76
C GLN A 297 -11.36 -6.38 19.27
N GLN A 298 -10.26 -6.16 19.96
CA GLN A 298 -10.15 -6.30 21.40
C GLN A 298 -10.93 -5.30 22.25
N GLY A 299 -10.95 -4.05 21.83
CA GLY A 299 -11.68 -3.05 22.60
C GLY A 299 -10.78 -2.21 23.48
N GLY A 300 -11.30 -1.83 24.65
CA GLY A 300 -10.53 -0.99 25.55
C GLY A 300 -9.49 -1.76 26.34
N SER A 301 -9.74 -3.05 26.53
CA SER A 301 -8.81 -3.89 27.28
C SER A 301 -7.42 -3.81 26.66
N TYR A 302 -7.36 -3.60 25.35
CA TYR A 302 -6.09 -3.49 24.65
C TYR A 302 -5.31 -2.38 25.35
N ASP A 303 -4.05 -2.67 25.69
CA ASP A 303 -3.17 -1.69 26.35
C ASP A 303 -2.58 -0.73 25.34
N MET A 304 -3.13 0.47 25.24
CA MET A 304 -2.63 1.44 24.28
C MET A 304 -1.14 1.76 24.27
N ARG A 305 -0.40 1.33 25.28
CA ARG A 305 1.03 1.61 25.32
C ARG A 305 1.81 0.77 24.32
N ASN A 306 1.28 -0.41 23.99
CA ASN A 306 1.94 -1.32 23.06
C ASN A 306 1.38 -1.20 21.63
N ILE A 307 0.69 -0.09 21.38
CA ILE A 307 0.09 0.16 20.07
C ILE A 307 1.11 0.32 18.95
N LEU A 308 2.25 0.93 19.24
CA LEU A 308 3.29 1.11 18.23
C LEU A 308 4.36 0.04 18.34
N ARG A 309 4.28 -0.75 19.41
CA ARG A 309 5.25 -1.80 19.64
C ARG A 309 5.13 -2.87 18.57
N GLY A 310 6.24 -3.12 17.89
CA GLY A 310 6.25 -4.12 16.84
C GLY A 310 6.13 -3.55 15.46
N SER A 311 5.53 -2.37 15.36
CA SER A 311 5.36 -1.73 14.07
C SER A 311 6.71 -1.55 13.42
N LEU A 312 6.73 -1.40 12.10
CA LEU A 312 7.98 -1.16 11.41
C LEU A 312 8.37 0.28 11.67
N VAL A 313 7.38 1.18 11.60
CA VAL A 313 7.61 2.62 11.81
C VAL A 313 8.33 2.91 13.13
N GLU A 314 8.00 2.15 14.18
CA GLU A 314 8.66 2.31 15.47
C GLU A 314 10.16 2.08 15.30
N ALA A 315 10.51 0.97 14.66
CA ALA A 315 11.91 0.57 14.44
C ALA A 315 12.67 1.35 13.38
N HIS A 316 12.06 1.56 12.22
CA HIS A 316 12.72 2.27 11.13
C HIS A 316 11.72 3.21 10.48
N PRO A 317 11.39 4.32 11.15
CA PRO A 317 10.44 5.31 10.66
C PRO A 317 10.88 6.04 9.39
N MET A 318 11.95 5.56 8.77
CA MET A 318 12.45 6.20 7.56
C MET A 318 12.18 5.31 6.34
N HIS A 319 11.92 4.04 6.61
CA HIS A 319 11.62 3.07 5.55
C HIS A 319 10.28 2.41 5.88
N ALA A 320 9.34 3.25 6.31
CA ALA A 320 8.01 2.77 6.64
C ALA A 320 6.99 3.61 5.89
N VAL A 321 5.90 2.96 5.47
CA VAL A 321 4.78 3.60 4.79
C VAL A 321 3.57 3.12 5.57
N THR A 322 3.12 3.96 6.48
CA THR A 322 2.00 3.66 7.37
C THR A 322 0.61 3.86 6.74
N PHE A 323 -0.31 2.98 7.12
CA PHE A 323 -1.67 2.98 6.61
C PHE A 323 -2.60 2.27 7.62
N VAL A 324 -3.91 2.39 7.44
CA VAL A 324 -4.87 1.76 8.34
C VAL A 324 -5.51 0.53 7.68
N ASP A 325 -5.80 0.62 6.38
CA ASP A 325 -6.38 -0.52 5.65
C ASP A 325 -6.23 -0.34 4.13
N ASN A 326 -6.51 -1.40 3.39
CA ASN A 326 -6.45 -1.37 1.92
C ASN A 326 -7.43 -2.38 1.32
N HIS A 327 -7.40 -2.51 0.00
CA HIS A 327 -8.28 -3.43 -0.72
C HIS A 327 -8.17 -4.88 -0.27
N ASP A 328 -7.03 -5.27 0.29
CA ASP A 328 -6.85 -6.64 0.76
C ASP A 328 -7.44 -6.84 2.15
N THR A 329 -7.37 -5.81 2.98
CA THR A 329 -7.86 -5.88 4.36
C THR A 329 -9.32 -5.47 4.54
N GLN A 330 -9.93 -4.87 3.52
CA GLN A 330 -11.31 -4.46 3.68
C GLN A 330 -12.18 -5.70 3.79
N PRO A 331 -13.35 -5.56 4.44
CA PRO A 331 -14.31 -6.65 4.66
C PRO A 331 -14.51 -7.61 3.50
N GLY A 332 -14.35 -8.90 3.78
CA GLY A 332 -14.54 -9.92 2.76
C GLY A 332 -13.38 -10.28 1.87
N GLU A 333 -12.34 -9.47 1.85
CA GLU A 333 -11.18 -9.75 1.02
C GLU A 333 -10.16 -10.71 1.63
N SER A 334 -9.11 -10.99 0.85
CA SER A 334 -8.06 -11.94 1.22
C SER A 334 -7.29 -11.72 2.53
N LEU A 335 -6.82 -10.50 2.75
CA LEU A 335 -6.07 -10.22 3.96
C LEU A 335 -6.89 -9.36 4.92
N GLU A 336 -8.18 -9.64 4.97
CA GLU A 336 -9.06 -8.88 5.84
C GLU A 336 -8.49 -8.70 7.22
N SER A 337 -8.57 -7.46 7.70
CA SER A 337 -8.09 -7.06 9.02
C SER A 337 -8.59 -5.63 9.22
N TRP A 338 -9.86 -5.44 8.87
CA TRP A 338 -10.56 -4.17 8.91
C TRP A 338 -10.65 -3.49 10.27
N VAL A 339 -10.23 -2.23 10.31
CA VAL A 339 -10.30 -1.47 11.54
C VAL A 339 -11.71 -0.88 11.59
N ALA A 340 -12.43 -1.14 12.68
CA ALA A 340 -13.80 -0.64 12.85
C ALA A 340 -13.90 0.87 12.87
N ASP A 341 -15.09 1.38 12.57
CA ASP A 341 -15.33 2.82 12.56
C ASP A 341 -14.86 3.53 13.81
N TRP A 342 -15.07 2.91 14.97
CA TRP A 342 -14.69 3.56 16.23
C TRP A 342 -13.20 3.80 16.44
N PHE A 343 -12.38 2.82 16.11
CA PHE A 343 -10.94 2.96 16.27
C PHE A 343 -10.24 3.59 15.08
N LYS A 344 -10.91 3.58 13.93
CA LYS A 344 -10.29 4.14 12.72
C LYS A 344 -9.87 5.60 12.83
N PRO A 345 -10.54 6.39 13.68
CA PRO A 345 -10.10 7.79 13.77
C PRO A 345 -8.78 7.84 14.51
N LEU A 346 -8.66 7.00 15.54
CA LEU A 346 -7.45 6.90 16.36
C LEU A 346 -6.24 6.45 15.52
N ALA A 347 -6.45 5.43 14.71
CA ALA A 347 -5.38 4.92 13.86
C ALA A 347 -4.89 5.99 12.90
N TYR A 348 -5.79 6.65 12.17
CA TYR A 348 -5.38 7.70 11.24
C TYR A 348 -4.60 8.83 11.88
N ALA A 349 -5.00 9.21 13.10
CA ALA A 349 -4.31 10.26 13.83
C ALA A 349 -2.87 9.80 14.12
N THR A 350 -2.74 8.53 14.50
CA THR A 350 -1.43 7.95 14.78
C THR A 350 -0.45 8.03 13.60
N ILE A 351 -0.90 7.72 12.38
CA ILE A 351 0.00 7.77 11.22
C ILE A 351 0.07 9.12 10.51
N LEU A 352 -0.89 10.00 10.77
CA LEU A 352 -0.92 11.30 10.10
C LEU A 352 -0.34 12.47 10.89
N THR A 353 -0.33 12.38 12.23
CA THR A 353 0.19 13.50 13.03
C THR A 353 1.55 13.26 13.68
N ARG A 354 2.06 12.02 13.58
CA ARG A 354 3.36 11.72 14.16
C ARG A 354 4.45 11.99 13.12
N GLU A 355 5.68 12.19 13.58
CA GLU A 355 6.80 12.50 12.68
C GLU A 355 7.34 11.35 11.85
N GLY A 356 7.29 10.14 12.38
CA GLY A 356 7.79 9.00 11.62
C GLY A 356 6.89 8.52 10.50
N GLY A 357 7.43 7.61 9.70
CA GLY A 357 6.68 7.02 8.59
C GLY A 357 6.07 7.93 7.55
N TYR A 358 5.77 7.34 6.39
CA TYR A 358 5.15 8.02 5.26
C TYR A 358 3.71 7.48 5.26
N PRO A 359 2.76 8.27 5.80
CA PRO A 359 1.34 7.91 5.90
C PRO A 359 0.55 7.78 4.59
N ASN A 360 -0.36 6.81 4.55
CA ASN A 360 -1.18 6.57 3.36
C ASN A 360 -2.69 6.54 3.63
N VAL A 361 -3.44 7.42 2.97
CA VAL A 361 -4.89 7.45 3.14
C VAL A 361 -5.54 6.40 2.21
N PHE A 362 -6.46 5.62 2.76
CA PHE A 362 -7.15 4.58 1.97
C PHE A 362 -8.43 5.14 1.32
N TYR A 363 -8.56 4.96 0.02
CA TYR A 363 -9.73 5.43 -0.72
C TYR A 363 -11.04 4.91 -0.08
N GLY A 364 -11.07 3.62 0.21
CA GLY A 364 -12.25 3.04 0.82
C GLY A 364 -12.72 3.76 2.06
N ASP A 365 -11.78 4.34 2.80
CA ASP A 365 -12.12 5.07 4.02
C ASP A 365 -12.55 6.49 3.71
N TYR A 366 -11.76 7.17 2.87
CA TYR A 366 -12.02 8.54 2.49
C TYR A 366 -13.41 8.74 1.87
N TYR A 367 -13.73 7.95 0.85
CA TYR A 367 -15.00 8.05 0.15
C TYR A 367 -16.01 6.97 0.51
N GLY A 368 -15.56 5.97 1.27
CA GLY A 368 -16.45 4.90 1.68
C GLY A 368 -16.50 3.67 0.79
N ILE A 369 -16.94 2.56 1.38
CA ILE A 369 -17.08 1.30 0.66
C ILE A 369 -18.57 0.96 0.60
N PRO A 370 -19.30 1.57 -0.34
CA PRO A 370 -20.73 1.36 -0.52
C PRO A 370 -21.12 -0.12 -0.48
N ASN A 371 -20.34 -0.94 -1.16
CA ASN A 371 -20.62 -2.37 -1.19
C ASN A 371 -20.95 -2.90 0.18
N ASP A 372 -20.16 -2.50 1.17
CA ASP A 372 -20.36 -2.99 2.53
C ASP A 372 -20.98 -1.99 3.51
N ASN A 373 -21.66 -0.98 3.00
CA ASN A 373 -22.29 0.00 3.87
C ASN A 373 -21.29 0.70 4.77
N ILE A 374 -20.07 0.90 4.27
CA ILE A 374 -19.04 1.58 5.03
C ILE A 374 -19.07 3.06 4.65
N SER A 375 -19.39 3.91 5.62
CA SER A 375 -19.49 5.36 5.39
C SER A 375 -18.19 6.06 5.03
N ALA A 376 -18.30 7.12 4.24
CA ALA A 376 -17.14 7.90 3.84
C ALA A 376 -16.65 8.65 5.06
N LYS A 377 -15.38 8.45 5.42
CA LYS A 377 -14.84 9.11 6.60
C LYS A 377 -14.14 10.42 6.27
N LYS A 378 -14.39 10.93 5.06
CA LYS A 378 -13.78 12.17 4.57
C LYS A 378 -13.65 13.29 5.59
N ASP A 379 -14.75 13.63 6.26
CA ASP A 379 -14.75 14.71 7.26
C ASP A 379 -13.69 14.53 8.34
N MET A 380 -13.68 13.34 8.95
CA MET A 380 -12.72 13.01 10.01
C MET A 380 -11.27 13.03 9.54
N ILE A 381 -11.05 12.56 8.31
CA ILE A 381 -9.70 12.48 7.74
C ILE A 381 -9.18 13.81 7.25
N ASP A 382 -10.05 14.66 6.73
CA ASP A 382 -9.59 15.97 6.25
C ASP A 382 -9.02 16.82 7.38
N GLU A 383 -9.70 16.82 8.52
CA GLU A 383 -9.27 17.59 9.68
C GLU A 383 -7.87 17.14 10.08
N LEU A 384 -7.62 15.84 9.95
CA LEU A 384 -6.30 15.27 10.25
C LEU A 384 -5.30 15.61 9.12
N LEU A 385 -5.77 15.71 7.89
CA LEU A 385 -4.86 16.06 6.80
C LEU A 385 -4.47 17.50 7.04
N ASP A 386 -5.42 18.28 7.56
CA ASP A 386 -5.16 19.68 7.88
C ASP A 386 -4.10 19.70 8.98
N ALA A 387 -4.28 18.85 9.98
CA ALA A 387 -3.35 18.74 11.09
C ALA A 387 -1.94 18.50 10.53
N ARG A 388 -1.79 17.41 9.78
CA ARG A 388 -0.49 17.05 9.21
C ARG A 388 0.08 18.06 8.24
N GLN A 389 -0.77 18.63 7.41
CA GLN A 389 -0.32 19.60 6.42
C GLN A 389 0.12 20.94 7.00
N ASN A 390 -0.56 21.42 8.03
CA ASN A 390 -0.24 22.72 8.61
C ASN A 390 0.24 22.78 10.05
N TYR A 391 0.11 21.70 10.79
CA TYR A 391 0.49 21.72 12.20
C TYR A 391 1.52 20.69 12.67
N ALA A 392 1.43 19.45 12.18
CA ALA A 392 2.36 18.40 12.60
C ALA A 392 3.79 18.62 12.13
N TYR A 393 4.48 19.57 12.76
CA TYR A 393 5.86 19.92 12.44
C TYR A 393 6.63 20.10 13.74
N GLY A 394 7.95 20.27 13.62
CA GLY A 394 8.81 20.47 14.77
C GLY A 394 9.00 19.30 15.73
N THR A 395 9.89 19.50 16.71
CA THR A 395 10.22 18.48 17.71
C THR A 395 9.00 17.76 18.28
N GLN A 396 9.09 16.44 18.36
CA GLN A 396 8.00 15.63 18.88
C GLN A 396 8.26 15.18 20.31
N HIS A 397 7.20 14.87 21.05
CA HIS A 397 7.28 14.41 22.44
C HIS A 397 6.17 13.38 22.62
N ASP A 398 6.54 12.14 22.95
CA ASP A 398 5.55 11.08 23.13
C ASP A 398 5.15 10.85 24.57
N TYR A 399 3.97 10.26 24.76
CA TYR A 399 3.47 9.96 26.08
C TYR A 399 2.66 8.66 26.11
N PHE A 400 3.25 7.56 25.67
CA PHE A 400 2.52 6.30 25.69
C PHE A 400 2.69 5.72 27.10
N ASP A 401 2.27 6.49 28.11
CA ASP A 401 2.42 6.11 29.51
C ASP A 401 1.24 5.42 30.20
N HIS A 402 0.03 5.61 29.70
CA HIS A 402 -1.13 4.98 30.31
C HIS A 402 -1.71 3.94 29.34
N TRP A 403 -2.47 2.99 29.86
CA TRP A 403 -3.06 1.95 29.02
C TRP A 403 -4.33 2.34 28.24
N ASP A 404 -4.92 3.50 28.54
CA ASP A 404 -6.09 3.95 27.81
C ASP A 404 -5.75 5.29 27.17
N VAL A 405 -5.51 6.28 28.01
CA VAL A 405 -5.18 7.59 27.52
C VAL A 405 -3.70 7.65 27.19
N VAL A 406 -3.37 8.07 25.97
CA VAL A 406 -1.98 8.21 25.53
C VAL A 406 -1.96 9.35 24.53
N GLY A 407 -0.80 9.95 24.31
CA GLY A 407 -0.76 11.04 23.36
C GLY A 407 0.65 11.45 22.98
N TRP A 408 0.78 12.55 22.25
CA TRP A 408 2.07 13.05 21.82
C TRP A 408 1.94 14.49 21.34
N THR A 409 3.07 15.18 21.17
CA THR A 409 3.03 16.57 20.76
C THR A 409 4.12 16.96 19.76
N ARG A 410 3.91 18.06 19.06
CA ARG A 410 4.86 18.57 18.08
C ARG A 410 4.94 20.08 18.36
N GLU A 411 6.13 20.54 18.75
CA GLU A 411 6.38 21.93 19.07
C GLU A 411 6.14 22.91 17.95
N GLY A 412 6.16 22.40 16.72
CA GLY A 412 5.96 23.26 15.57
C GLY A 412 7.31 23.74 15.12
N SER A 413 7.39 24.31 13.92
CA SER A 413 8.66 24.80 13.43
C SER A 413 8.52 26.28 13.12
N SER A 414 9.56 27.04 13.42
CA SER A 414 9.57 28.48 13.19
C SER A 414 9.36 28.76 11.71
N SER A 415 9.66 27.77 10.89
CA SER A 415 9.55 27.87 9.45
C SER A 415 8.13 27.66 8.91
N ARG A 416 7.21 27.29 9.78
CA ARG A 416 5.84 27.06 9.37
C ARG A 416 4.82 27.60 10.37
N PRO A 417 4.26 28.79 10.09
CA PRO A 417 3.27 29.54 10.86
C PRO A 417 2.28 28.73 11.67
N ASN A 418 2.11 29.15 12.92
CA ASN A 418 1.20 28.52 13.88
C ASN A 418 1.20 27.01 13.94
N SER A 419 2.22 26.37 13.37
CA SER A 419 2.30 24.91 13.39
C SER A 419 2.31 24.45 14.84
N GLY A 420 2.52 23.18 15.08
CA GLY A 420 2.55 22.69 16.47
C GLY A 420 1.21 22.09 16.82
N LEU A 421 1.23 20.92 17.46
CA LEU A 421 -0.01 20.25 17.82
C LEU A 421 0.17 19.30 18.98
N ALA A 422 -0.94 18.83 19.51
CA ALA A 422 -0.94 17.90 20.63
C ALA A 422 -2.07 16.89 20.43
N THR A 423 -1.69 15.63 20.22
CA THR A 423 -2.65 14.57 20.00
C THR A 423 -2.90 13.85 21.32
N ILE A 424 -4.17 13.67 21.67
CA ILE A 424 -4.54 12.96 22.89
C ILE A 424 -5.68 12.02 22.49
N MET A 425 -5.74 10.84 23.12
CA MET A 425 -6.77 9.88 22.77
C MET A 425 -6.92 8.81 23.83
N SER A 426 -8.01 8.07 23.78
CA SER A 426 -8.23 7.00 24.73
C SER A 426 -9.10 5.96 24.05
N ASN A 427 -8.74 4.68 24.19
CA ASN A 427 -9.50 3.61 23.59
C ASN A 427 -10.47 3.05 24.63
N GLY A 428 -10.49 3.71 25.79
CA GLY A 428 -11.36 3.33 26.89
C GLY A 428 -11.90 4.59 27.54
N PRO A 429 -12.39 4.53 28.80
CA PRO A 429 -12.91 5.74 29.43
C PRO A 429 -11.96 6.90 29.19
N GLY A 430 -12.49 8.03 28.72
CA GLY A 430 -11.68 9.20 28.44
C GLY A 430 -10.85 9.72 29.59
N GLY A 431 -10.14 10.81 29.35
CA GLY A 431 -9.31 11.40 30.39
C GLY A 431 -8.53 12.59 29.87
N SER A 432 -7.49 12.98 30.61
CA SER A 432 -6.65 14.11 30.22
C SER A 432 -5.21 13.79 30.58
N LYS A 433 -4.27 14.58 30.06
CA LYS A 433 -2.85 14.37 30.32
C LYS A 433 -2.04 15.65 30.16
N TRP A 434 -1.13 15.89 31.09
CA TRP A 434 -0.27 17.08 31.04
C TRP A 434 0.92 16.74 30.13
N MET A 435 1.01 17.43 28.99
CA MET A 435 2.08 17.19 28.03
C MET A 435 2.83 18.46 27.65
N TYR A 436 4.13 18.32 27.40
CA TYR A 436 4.95 19.47 27.02
C TYR A 436 4.76 19.77 25.55
N VAL A 437 4.85 21.04 25.15
CA VAL A 437 4.67 21.40 23.73
C VAL A 437 5.61 22.50 23.27
N GLY A 438 6.60 22.83 24.11
CA GLY A 438 7.53 23.87 23.74
C GLY A 438 7.26 25.17 24.47
N ARG A 439 8.18 25.56 25.34
CA ARG A 439 8.07 26.79 26.13
C ARG A 439 7.85 28.02 25.25
N GLN A 440 8.07 27.88 23.94
CA GLN A 440 7.89 29.00 23.03
C GLN A 440 6.42 29.24 22.65
N ASN A 441 5.55 28.32 23.04
CA ASN A 441 4.13 28.46 22.71
C ASN A 441 3.34 28.79 23.97
N ALA A 442 4.02 29.31 24.99
CA ALA A 442 3.34 29.65 26.23
C ALA A 442 2.36 30.77 25.94
N GLY A 443 1.24 30.75 26.65
CA GLY A 443 0.23 31.78 26.46
C GLY A 443 -0.76 31.54 25.34
N GLN A 444 -0.47 30.54 24.52
CA GLN A 444 -1.33 30.19 23.39
C GLN A 444 -2.54 29.40 23.87
N THR A 445 -3.63 29.49 23.12
CA THR A 445 -4.83 28.75 23.46
C THR A 445 -5.10 27.80 22.30
N TRP A 446 -5.04 26.51 22.60
CA TRP A 446 -5.23 25.46 21.61
C TRP A 446 -6.60 24.82 21.67
N THR A 447 -7.14 24.48 20.51
CA THR A 447 -8.45 23.85 20.41
C THR A 447 -8.44 22.61 19.52
N ASP A 448 -9.41 21.74 19.74
CA ASP A 448 -9.53 20.46 19.03
C ASP A 448 -10.00 20.51 17.58
N LEU A 449 -9.10 20.24 16.64
CA LEU A 449 -9.42 20.22 15.21
C LEU A 449 -10.51 19.22 14.80
N THR A 450 -10.68 18.15 15.57
CA THR A 450 -11.67 17.14 15.24
C THR A 450 -13.05 17.46 15.83
N GLY A 451 -13.06 18.28 16.87
CA GLY A 451 -14.30 18.67 17.49
C GLY A 451 -14.88 17.62 18.42
N ASN A 452 -14.04 16.76 18.95
CA ASN A 452 -14.53 15.74 19.85
C ASN A 452 -14.36 16.18 21.29
N ASN A 453 -13.85 17.39 21.48
CA ASN A 453 -13.65 17.93 22.81
C ASN A 453 -13.59 19.45 22.74
N GLY A 454 -14.50 20.09 23.46
CA GLY A 454 -14.55 21.54 23.47
C GLY A 454 -13.55 22.22 24.37
N ALA A 455 -12.74 21.42 25.05
CA ALA A 455 -11.72 21.95 25.93
C ALA A 455 -10.92 23.01 25.17
N SER A 456 -10.49 24.03 25.88
CA SER A 456 -9.70 25.10 25.30
C SER A 456 -8.48 25.18 26.19
N VAL A 457 -7.44 24.47 25.79
CA VAL A 457 -6.18 24.39 26.53
C VAL A 457 -5.26 25.59 26.32
N THR A 458 -4.83 26.19 27.41
CA THR A 458 -3.91 27.33 27.33
C THR A 458 -2.54 26.84 27.78
N ILE A 459 -1.52 27.18 27.00
CA ILE A 459 -0.15 26.76 27.30
C ILE A 459 0.45 27.67 28.38
N ASN A 460 0.86 27.09 29.51
CA ASN A 460 1.44 27.88 30.59
C ASN A 460 2.85 28.40 30.28
N GLY A 461 3.48 29.05 31.26
CA GLY A 461 4.80 29.62 31.06
C GLY A 461 5.93 28.63 30.79
N ASP A 462 5.77 27.40 31.25
CA ASP A 462 6.76 26.36 31.05
C ASP A 462 6.55 25.61 29.74
N GLY A 463 5.55 26.02 28.98
CA GLY A 463 5.28 25.36 27.72
C GLY A 463 4.43 24.11 27.92
N TRP A 464 3.72 24.05 29.05
CA TRP A 464 2.86 22.91 29.36
C TRP A 464 1.37 23.21 29.27
N GLY A 465 0.60 22.17 28.93
CA GLY A 465 -0.83 22.33 28.83
C GLY A 465 -1.48 21.01 29.15
N GLU A 466 -2.69 21.03 29.71
CA GLU A 466 -3.38 19.79 30.01
C GLU A 466 -4.47 19.59 28.97
N PHE A 467 -4.38 18.48 28.25
CA PHE A 467 -5.32 18.16 27.17
C PHE A 467 -6.29 17.03 27.53
N PHE A 468 -7.53 17.18 27.06
CA PHE A 468 -8.59 16.20 27.33
C PHE A 468 -9.08 15.40 26.14
N THR A 469 -9.72 14.28 26.45
CA THR A 469 -10.27 13.38 25.45
C THR A 469 -11.39 12.59 26.09
N ASN A 470 -12.44 12.32 25.34
CA ASN A 470 -13.55 11.54 25.87
C ASN A 470 -13.22 10.07 25.68
N GLY A 471 -14.13 9.19 26.09
CA GLY A 471 -13.88 7.76 25.94
C GLY A 471 -13.82 7.36 24.47
N GLY A 472 -13.00 6.36 24.17
CA GLY A 472 -12.86 5.88 22.80
C GLY A 472 -12.95 6.98 21.75
N SER A 473 -12.10 7.98 21.88
CA SER A 473 -12.10 9.10 20.96
C SER A 473 -10.67 9.64 20.83
N VAL A 474 -10.48 10.65 19.99
CA VAL A 474 -9.16 11.24 19.81
C VAL A 474 -9.32 12.71 19.47
N SER A 475 -8.51 13.56 20.08
CA SER A 475 -8.57 14.98 19.78
C SER A 475 -7.19 15.42 19.38
N VAL A 476 -7.11 16.47 18.56
CA VAL A 476 -5.84 17.00 18.09
C VAL A 476 -5.88 18.53 18.19
N TYR A 477 -5.37 19.03 19.31
CA TYR A 477 -5.34 20.46 19.60
C TYR A 477 -4.24 21.19 18.86
N VAL A 478 -4.55 22.37 18.33
CA VAL A 478 -3.57 23.18 17.62
C VAL A 478 -3.88 24.66 17.82
N ASN A 479 -2.90 25.50 17.54
CA ASN A 479 -3.09 26.93 17.70
C ASN A 479 -3.90 27.47 16.54
N GLN A 480 -5.20 27.25 16.59
CA GLN A 480 -6.08 27.74 15.54
C GLN A 480 -6.95 28.84 16.14
NA NA B . 6.74 -15.85 -7.10
NA NA C . -6.85 0.26 27.17
NA NA D . -5.80 -3.04 9.81
#